data_5CWT
#
_entry.id   5CWT
#
_cell.length_a   42.252
_cell.length_b   42.361
_cell.length_c   138.709
_cell.angle_alpha   90.00
_cell.angle_beta   90.00
_cell.angle_gamma   90.00
#
_symmetry.space_group_name_H-M   'P 21 21 21'
#
loop_
_entity.id
_entity.type
_entity.pdbx_description
1 polymer 'Nucleoporin NUP57'
2 water water
#
_entity_poly.entity_id   1
_entity_poly.type   'polypeptide(L)'
_entity_poly.pdbx_seq_one_letter_code
;SDQINQAGITESDGLGEEIEAKAKKILEDYDKQLQHLKKQVEEAKKDFEEWEKQ
;
_entity_poly.pdbx_strand_id   A,B,C,D
#
# COMPACT_ATOMS: atom_id res chain seq x y z
N ASP A 13 21.15 -18.11 -5.69
CA ASP A 13 19.72 -17.90 -5.77
C ASP A 13 19.38 -16.61 -6.53
N GLY A 14 18.68 -16.78 -7.65
CA GLY A 14 18.22 -15.65 -8.44
C GLY A 14 16.82 -15.22 -8.07
N LEU A 15 16.41 -15.59 -6.85
CA LEU A 15 15.07 -15.25 -6.36
C LEU A 15 14.91 -13.75 -6.15
N GLY A 16 16.02 -13.06 -6.00
CA GLY A 16 16.02 -11.63 -5.77
C GLY A 16 15.17 -10.86 -6.76
N GLU A 17 15.33 -11.18 -8.04
CA GLU A 17 14.56 -10.52 -9.09
C GLU A 17 13.10 -10.96 -9.08
N GLU A 18 12.86 -12.19 -8.63
CA GLU A 18 11.51 -12.73 -8.57
C GLU A 18 10.73 -12.08 -7.42
N ILE A 19 11.40 -11.93 -6.28
CA ILE A 19 10.84 -11.22 -5.13
C ILE A 19 10.54 -9.78 -5.54
N GLU A 20 11.51 -9.13 -6.16
CA GLU A 20 11.36 -7.76 -6.63
C GLU A 20 10.17 -7.63 -7.57
N ALA A 21 10.01 -8.60 -8.45
CA ALA A 21 8.91 -8.58 -9.42
C ALA A 21 7.55 -8.63 -8.71
N LYS A 22 7.44 -9.49 -7.71
CA LYS A 22 6.20 -9.63 -6.95
C LYS A 22 5.91 -8.36 -6.17
N ALA A 23 6.94 -7.83 -5.51
CA ALA A 23 6.77 -6.65 -4.69
C ALA A 23 6.28 -5.47 -5.54
N LYS A 24 6.75 -5.41 -6.78
CA LYS A 24 6.27 -4.40 -7.71
C LYS A 24 4.84 -4.70 -8.13
N LYS A 25 4.50 -5.98 -8.24
CA LYS A 25 3.14 -6.38 -8.63
C LYS A 25 2.15 -6.01 -7.53
N ILE A 26 2.53 -6.25 -6.27
CA ILE A 26 1.69 -5.92 -5.13
C ILE A 26 1.39 -4.41 -5.09
N LEU A 27 2.41 -3.61 -5.36
CA LEU A 27 2.26 -2.15 -5.34
C LEU A 27 1.40 -1.67 -6.50
N GLU A 28 1.48 -2.36 -7.63
CA GLU A 28 0.65 -2.02 -8.79
C GLU A 28 -0.82 -2.30 -8.50
N ASP A 29 -1.09 -3.45 -7.91
CA ASP A 29 -2.46 -3.81 -7.53
C ASP A 29 -2.97 -2.83 -6.48
N TYR A 30 -2.11 -2.51 -5.52
CA TYR A 30 -2.44 -1.57 -4.46
C TYR A 30 -2.81 -0.21 -5.06
N ASP A 31 -2.00 0.26 -5.99
CA ASP A 31 -2.24 1.53 -6.65
C ASP A 31 -3.57 1.51 -7.43
N LYS A 32 -3.85 0.38 -8.06
CA LYS A 32 -5.07 0.23 -8.84
C LYS A 32 -6.30 0.46 -7.97
N GLN A 33 -6.33 -0.19 -6.80
CA GLN A 33 -7.43 -0.05 -5.88
C GLN A 33 -7.61 1.40 -5.41
N LEU A 34 -6.50 2.07 -5.16
CA LEU A 34 -6.53 3.45 -4.69
C LEU A 34 -7.06 4.39 -5.77
N GLN A 35 -6.58 4.20 -7.00
CA GLN A 35 -6.99 5.04 -8.12
C GLN A 35 -8.47 4.85 -8.43
N HIS A 36 -8.96 3.62 -8.28
CA HIS A 36 -10.37 3.33 -8.53
C HIS A 36 -11.23 3.91 -7.42
N LEU A 37 -10.79 3.72 -6.18
CA LEU A 37 -11.53 4.26 -5.03
C LEU A 37 -11.53 5.77 -5.09
N LYS A 38 -10.41 6.35 -5.49
CA LYS A 38 -10.28 7.79 -5.59
C LYS A 38 -11.28 8.36 -6.59
N LYS A 39 -11.51 7.60 -7.67
CA LYS A 39 -12.48 8.00 -8.68
C LYS A 39 -13.89 8.01 -8.09
N GLN A 40 -14.17 7.05 -7.22
CA GLN A 40 -15.48 6.95 -6.60
C GLN A 40 -15.76 8.13 -5.68
N VAL A 41 -14.72 8.62 -4.99
CA VAL A 41 -14.87 9.75 -4.09
C VAL A 41 -15.13 11.03 -4.88
N GLU A 42 -14.41 11.20 -5.99
CA GLU A 42 -14.61 12.35 -6.85
C GLU A 42 -16.02 12.33 -7.43
N GLU A 43 -16.50 11.13 -7.76
CA GLU A 43 -17.85 10.97 -8.28
C GLU A 43 -18.87 11.17 -7.17
N ALA A 44 -18.50 10.83 -5.95
CA ALA A 44 -19.41 10.95 -4.82
C ALA A 44 -19.73 12.40 -4.50
N LYS A 45 -18.70 13.25 -4.51
CA LYS A 45 -18.90 14.66 -4.20
C LYS A 45 -19.60 15.39 -5.35
N LYS A 46 -19.33 14.94 -6.57
CA LYS A 46 -20.00 15.51 -7.73
C LYS A 46 -21.49 15.19 -7.66
N ASP A 47 -21.81 13.97 -7.25
CA ASP A 47 -23.20 13.57 -7.07
C ASP A 47 -23.84 14.38 -5.95
N PHE A 48 -23.06 14.72 -4.93
CA PHE A 48 -23.56 15.51 -3.81
C PHE A 48 -23.86 16.93 -4.26
N GLU A 49 -22.99 17.48 -5.11
CA GLU A 49 -23.20 18.81 -5.67
C GLU A 49 -24.46 18.82 -6.53
N GLU A 50 -24.67 17.73 -7.27
CA GLU A 50 -25.87 17.59 -8.10
C GLU A 50 -27.11 17.52 -7.23
N TRP A 51 -27.06 16.71 -6.19
CA TRP A 51 -28.21 16.51 -5.31
C TRP A 51 -28.55 17.78 -4.55
N GLU A 52 -27.55 18.63 -4.31
CA GLU A 52 -27.76 19.89 -3.61
C GLU A 52 -28.33 20.95 -4.56
N LYS A 53 -28.69 20.53 -5.76
CA LYS A 53 -29.27 21.40 -6.78
C LYS A 53 -28.29 22.52 -7.15
N GLU B 18 -27.43 25.51 10.04
CA GLU B 18 -27.10 24.19 10.55
C GLU B 18 -27.11 23.16 9.43
N ILE B 19 -28.10 23.27 8.54
CA ILE B 19 -28.22 22.35 7.42
C ILE B 19 -27.24 22.74 6.31
N GLU B 20 -27.11 24.03 6.06
CA GLU B 20 -26.21 24.52 5.02
C GLU B 20 -24.75 24.33 5.41
N ALA B 21 -24.50 24.31 6.72
CA ALA B 21 -23.15 24.08 7.23
C ALA B 21 -22.77 22.62 7.08
N LYS B 22 -23.76 21.74 7.19
CA LYS B 22 -23.55 20.31 7.03
C LYS B 22 -23.12 20.00 5.60
N ALA B 23 -23.71 20.72 4.64
CA ALA B 23 -23.41 20.52 3.23
C ALA B 23 -21.94 20.83 2.96
N LYS B 24 -21.42 21.86 3.63
CA LYS B 24 -20.02 22.23 3.48
C LYS B 24 -19.13 21.12 4.03
N LYS B 25 -19.45 20.66 5.23
CA LYS B 25 -18.64 19.66 5.93
C LYS B 25 -18.47 18.39 5.10
N ILE B 26 -19.55 17.94 4.47
CA ILE B 26 -19.51 16.74 3.63
C ILE B 26 -18.51 16.91 2.49
N LEU B 27 -18.44 18.13 1.94
CA LEU B 27 -17.51 18.42 0.86
C LEU B 27 -16.07 18.48 1.37
N GLU B 28 -15.90 18.86 2.64
CA GLU B 28 -14.57 18.92 3.24
C GLU B 28 -14.08 17.51 3.56
N ASP B 29 -15.01 16.63 3.95
CA ASP B 29 -14.68 15.25 4.25
C ASP B 29 -14.20 14.51 3.00
N TYR B 30 -14.92 14.69 1.91
CA TYR B 30 -14.54 14.08 0.64
C TYR B 30 -13.17 14.60 0.20
N ASP B 31 -12.82 15.80 0.64
CA ASP B 31 -11.50 16.36 0.35
C ASP B 31 -10.45 15.72 1.25
N LYS B 32 -10.77 15.59 2.53
CA LYS B 32 -9.87 14.92 3.48
C LYS B 32 -9.54 13.52 2.97
N GLN B 33 -10.56 12.83 2.45
CA GLN B 33 -10.39 11.48 1.95
C GLN B 33 -9.60 11.44 0.64
N LEU B 34 -9.85 12.41 -0.23
CA LEU B 34 -9.15 12.47 -1.51
C LEU B 34 -7.67 12.76 -1.33
N GLN B 35 -7.35 13.73 -0.48
CA GLN B 35 -5.96 14.09 -0.23
C GLN B 35 -5.20 12.90 0.39
N HIS B 36 -5.87 12.19 1.29
CA HIS B 36 -5.24 11.07 1.96
C HIS B 36 -5.01 9.89 1.01
N LEU B 37 -5.80 9.83 -0.06
CA LEU B 37 -5.62 8.79 -1.07
C LEU B 37 -4.45 9.13 -2.00
N LYS B 38 -4.39 10.38 -2.45
CA LYS B 38 -3.26 10.82 -3.27
C LYS B 38 -1.96 10.71 -2.48
N LYS B 39 -2.07 10.82 -1.16
CA LYS B 39 -0.93 10.61 -0.29
C LYS B 39 -0.44 9.17 -0.41
N GLN B 40 -1.36 8.22 -0.27
CA GLN B 40 -1.04 6.81 -0.36
C GLN B 40 -0.51 6.42 -1.74
N VAL B 41 -1.07 7.05 -2.77
CA VAL B 41 -0.59 6.80 -4.13
C VAL B 41 0.86 7.23 -4.24
N GLU B 42 1.20 8.33 -3.56
CA GLU B 42 2.56 8.84 -3.59
C GLU B 42 3.50 7.95 -2.78
N GLU B 43 2.99 7.43 -1.66
CA GLU B 43 3.75 6.48 -0.86
C GLU B 43 4.00 5.19 -1.64
N ALA B 44 2.97 4.73 -2.34
CA ALA B 44 3.10 3.53 -3.16
C ALA B 44 4.08 3.78 -4.30
N LYS B 45 4.15 5.03 -4.75
CA LYS B 45 5.02 5.39 -5.86
C LYS B 45 6.49 5.33 -5.44
N LYS B 46 6.79 5.88 -4.26
CA LYS B 46 8.16 5.93 -3.78
C LYS B 46 8.66 4.53 -3.39
N ASP B 47 7.75 3.69 -2.93
CA ASP B 47 8.08 2.30 -2.62
C ASP B 47 8.41 1.54 -3.91
N PHE B 48 7.64 1.82 -4.95
CA PHE B 48 7.84 1.18 -6.25
C PHE B 48 9.18 1.57 -6.85
N GLU B 49 9.53 2.85 -6.73
CA GLU B 49 10.80 3.34 -7.23
C GLU B 49 11.96 2.74 -6.45
N GLU B 50 11.73 2.45 -5.18
CA GLU B 50 12.78 1.87 -4.33
C GLU B 50 13.01 0.40 -4.66
N TRP B 51 11.97 -0.28 -5.13
CA TRP B 51 12.10 -1.67 -5.55
C TRP B 51 12.84 -1.77 -6.88
N GLU B 52 12.79 -0.69 -7.66
CA GLU B 52 13.54 -0.60 -8.90
C GLU B 52 14.98 -0.15 -8.59
N LYS B 53 15.35 -0.21 -7.32
CA LYS B 53 16.67 0.18 -6.84
C LYS B 53 16.89 1.69 -6.98
N GLY C 14 -22.48 8.70 5.90
CA GLY C 14 -23.27 7.72 5.17
C GLY C 14 -22.47 7.08 4.05
N LEU C 15 -22.20 7.86 3.00
CA LEU C 15 -21.40 7.38 1.88
C LEU C 15 -19.92 7.47 2.22
N GLY C 16 -19.58 8.37 3.13
CA GLY C 16 -18.21 8.51 3.60
C GLY C 16 -17.78 7.32 4.42
N GLU C 17 -18.74 6.68 5.08
CA GLU C 17 -18.47 5.50 5.89
C GLU C 17 -18.09 4.32 4.99
N GLU C 18 -18.72 4.25 3.83
CA GLU C 18 -18.48 3.15 2.90
C GLU C 18 -17.13 3.31 2.21
N ILE C 19 -16.73 4.55 1.96
CA ILE C 19 -15.42 4.85 1.41
C ILE C 19 -14.35 4.43 2.41
N GLU C 20 -14.52 4.86 3.65
CA GLU C 20 -13.60 4.51 4.73
C GLU C 20 -13.47 3.00 4.87
N ALA C 21 -14.59 2.30 4.74
CA ALA C 21 -14.61 0.85 4.83
C ALA C 21 -13.81 0.23 3.69
N LYS C 22 -14.02 0.76 2.48
CA LYS C 22 -13.29 0.28 1.30
C LYS C 22 -11.80 0.52 1.45
N ALA C 23 -11.44 1.74 1.86
CA ALA C 23 -10.03 2.12 1.97
C ALA C 23 -9.31 1.25 3.01
N LYS C 24 -10.02 0.86 4.05
CA LYS C 24 -9.45 -0.01 5.06
C LYS C 24 -9.31 -1.44 4.53
N LYS C 25 -10.22 -1.83 3.64
CA LYS C 25 -10.16 -3.16 3.02
C LYS C 25 -8.96 -3.24 2.08
N ILE C 26 -8.72 -2.16 1.34
CA ILE C 26 -7.58 -2.09 0.42
C ILE C 26 -6.28 -2.25 1.19
N LEU C 27 -6.16 -1.56 2.31
CA LEU C 27 -4.94 -1.61 3.12
C LEU C 27 -4.75 -2.99 3.75
N GLU C 28 -5.86 -3.65 4.08
CA GLU C 28 -5.80 -5.00 4.64
C GLU C 28 -5.30 -6.00 3.59
N ASP C 29 -5.86 -5.93 2.39
CA ASP C 29 -5.43 -6.78 1.29
C ASP C 29 -3.96 -6.54 0.96
N TYR C 30 -3.61 -5.26 0.85
CA TYR C 30 -2.24 -4.83 0.59
C TYR C 30 -1.30 -5.42 1.65
N ASP C 31 -1.67 -5.27 2.92
CA ASP C 31 -0.87 -5.79 4.01
C ASP C 31 -0.68 -7.31 3.90
N LYS C 32 -1.76 -8.02 3.63
CA LYS C 32 -1.72 -9.47 3.55
C LYS C 32 -0.73 -9.94 2.48
N GLN C 33 -0.69 -9.22 1.36
CA GLN C 33 0.25 -9.54 0.29
C GLN C 33 1.68 -9.32 0.74
N LEU C 34 1.91 -8.26 1.51
CA LEU C 34 3.25 -7.95 2.00
C LEU C 34 3.70 -8.99 3.03
N GLN C 35 2.81 -9.33 3.95
CA GLN C 35 3.12 -10.32 4.97
C GLN C 35 3.44 -11.68 4.35
N HIS C 36 2.71 -12.03 3.30
CA HIS C 36 2.92 -13.29 2.61
C HIS C 36 4.27 -13.28 1.89
N LEU C 37 4.55 -12.19 1.19
CA LEU C 37 5.82 -12.05 0.49
C LEU C 37 6.98 -12.00 1.48
N LYS C 38 6.74 -11.38 2.63
CA LYS C 38 7.78 -11.27 3.66
C LYS C 38 8.21 -12.65 4.11
N LYS C 39 7.25 -13.56 4.24
CA LYS C 39 7.55 -14.93 4.63
C LYS C 39 8.36 -15.66 3.57
N GLN C 40 8.06 -15.39 2.31
CA GLN C 40 8.77 -16.02 1.20
C GLN C 40 10.25 -15.64 1.19
N VAL C 41 10.54 -14.38 1.47
CA VAL C 41 11.92 -13.91 1.50
C VAL C 41 12.65 -14.55 2.68
N GLU C 42 11.94 -14.71 3.80
CA GLU C 42 12.50 -15.37 4.98
C GLU C 42 12.79 -16.84 4.68
N GLU C 43 11.92 -17.46 3.87
CA GLU C 43 12.14 -18.83 3.44
C GLU C 43 13.30 -18.91 2.45
N ALA C 44 13.35 -17.95 1.54
CA ALA C 44 14.42 -17.91 0.54
C ALA C 44 15.77 -17.77 1.23
N LYS C 45 15.78 -17.09 2.36
CA LYS C 45 17.01 -16.87 3.11
C LYS C 45 17.46 -18.16 3.81
N LYS C 46 16.55 -18.79 4.53
CA LYS C 46 16.86 -20.03 5.23
C LYS C 46 17.15 -21.15 4.24
N ASP C 47 16.51 -21.08 3.07
CA ASP C 47 16.72 -22.09 2.04
C ASP C 47 18.14 -22.02 1.47
N PHE C 48 18.69 -20.82 1.40
CA PHE C 48 20.05 -20.64 0.90
C PHE C 48 21.05 -21.15 1.93
N GLU C 49 20.82 -20.83 3.19
CA GLU C 49 21.67 -21.28 4.28
C GLU C 49 21.75 -22.80 4.30
N GLU C 50 20.62 -23.44 3.96
CA GLU C 50 20.58 -24.89 3.84
C GLU C 50 21.42 -25.36 2.66
N TRP C 51 21.40 -24.58 1.59
CA TRP C 51 22.09 -24.95 0.37
C TRP C 51 23.58 -24.61 0.44
N GLU C 52 23.91 -23.56 1.18
CA GLU C 52 25.29 -23.10 1.28
C GLU C 52 26.02 -23.81 2.41
N LYS C 53 25.25 -24.37 3.35
CA LYS C 53 25.78 -25.08 4.51
C LYS C 53 26.45 -24.12 5.50
N ILE D 19 34.12 -15.90 -3.82
CA ILE D 19 32.94 -16.76 -3.88
C ILE D 19 32.15 -16.67 -2.58
N GLU D 20 32.85 -16.66 -1.46
CA GLU D 20 32.21 -16.51 -0.16
C GLU D 20 31.59 -15.11 -0.05
N ALA D 21 32.21 -14.15 -0.74
CA ALA D 21 31.71 -12.78 -0.77
C ALA D 21 30.35 -12.72 -1.46
N LYS D 22 30.11 -13.64 -2.38
CA LYS D 22 28.84 -13.71 -3.09
C LYS D 22 27.73 -14.19 -2.14
N ALA D 23 28.07 -15.12 -1.26
CA ALA D 23 27.12 -15.64 -0.28
C ALA D 23 26.79 -14.56 0.74
N LYS D 24 27.79 -13.75 1.07
CA LYS D 24 27.61 -12.67 2.04
C LYS D 24 26.84 -11.51 1.42
N LYS D 25 26.65 -11.55 0.11
CA LYS D 25 25.97 -10.48 -0.60
C LYS D 25 24.46 -10.73 -0.71
N ILE D 26 24.10 -11.94 -1.13
CA ILE D 26 22.70 -12.27 -1.37
C ILE D 26 21.92 -12.37 -0.05
N LEU D 27 22.61 -12.65 1.05
CA LEU D 27 21.98 -12.64 2.37
C LEU D 27 21.71 -11.20 2.81
N GLU D 28 22.53 -10.28 2.32
CA GLU D 28 22.36 -8.86 2.61
C GLU D 28 21.32 -8.26 1.66
N ASP D 29 21.15 -8.87 0.50
CA ASP D 29 20.10 -8.47 -0.42
C ASP D 29 18.75 -8.85 0.14
N TYR D 30 18.65 -10.06 0.69
CA TYR D 30 17.44 -10.52 1.33
C TYR D 30 17.12 -9.65 2.55
N ASP D 31 18.15 -9.06 3.14
CA ASP D 31 17.94 -8.14 4.25
C ASP D 31 17.41 -6.80 3.75
N LYS D 32 17.98 -6.32 2.64
CA LYS D 32 17.51 -5.09 2.01
C LYS D 32 16.05 -5.19 1.60
N GLN D 33 15.63 -6.41 1.27
CA GLN D 33 14.26 -6.65 0.82
C GLN D 33 13.31 -6.79 2.01
N LEU D 34 13.75 -7.48 3.06
CA LEU D 34 12.92 -7.65 4.24
C LEU D 34 12.70 -6.33 4.97
N GLN D 35 13.76 -5.53 5.09
CA GLN D 35 13.66 -4.25 5.79
C GLN D 35 12.71 -3.32 5.05
N HIS D 36 12.69 -3.41 3.73
CA HIS D 36 11.85 -2.53 2.91
C HIS D 36 10.40 -3.00 2.91
N LEU D 37 10.20 -4.29 3.18
CA LEU D 37 8.84 -4.82 3.29
C LEU D 37 8.25 -4.43 4.63
N LYS D 38 8.98 -4.68 5.71
CA LYS D 38 8.50 -4.34 7.06
C LYS D 38 8.29 -2.84 7.16
N LYS D 39 9.01 -2.09 6.33
CA LYS D 39 8.80 -0.66 6.21
C LYS D 39 7.42 -0.38 5.63
N GLN D 40 7.12 -1.02 4.50
CA GLN D 40 5.82 -0.87 3.84
C GLN D 40 4.67 -1.29 4.74
N VAL D 41 4.88 -2.35 5.52
CA VAL D 41 3.87 -2.80 6.47
C VAL D 41 3.60 -1.70 7.48
N GLU D 42 4.65 -0.99 7.89
CA GLU D 42 4.52 0.06 8.89
C GLU D 42 3.75 1.25 8.30
N GLU D 43 4.02 1.58 7.05
CA GLU D 43 3.31 2.65 6.37
C GLU D 43 1.83 2.31 6.25
N ALA D 44 1.54 1.06 5.89
CA ALA D 44 0.17 0.61 5.73
C ALA D 44 -0.58 0.67 7.05
N LYS D 45 0.14 0.41 8.14
CA LYS D 45 -0.46 0.48 9.47
C LYS D 45 -0.86 1.91 9.80
N LYS D 46 0.04 2.85 9.50
CA LYS D 46 -0.21 4.26 9.79
C LYS D 46 -1.33 4.83 8.91
N ASP D 47 -1.41 4.37 7.67
CA ASP D 47 -2.49 4.77 6.78
C ASP D 47 -3.81 4.22 7.29
N PHE D 48 -3.78 2.98 7.78
CA PHE D 48 -4.97 2.30 8.25
C PHE D 48 -5.57 2.99 9.48
N GLU D 49 -4.72 3.33 10.44
CA GLU D 49 -5.19 3.98 11.66
C GLU D 49 -5.62 5.41 11.38
N GLU D 50 -5.11 5.99 10.29
CA GLU D 50 -5.50 7.34 9.90
C GLU D 50 -6.89 7.33 9.28
N TRP D 51 -7.30 6.19 8.74
CA TRP D 51 -8.65 6.04 8.20
C TRP D 51 -9.67 5.84 9.33
N GLU D 52 -9.18 5.42 10.49
CA GLU D 52 -10.03 5.28 11.67
C GLU D 52 -10.10 6.61 12.42
N LYS D 53 -9.95 7.70 11.68
CA LYS D 53 -9.90 9.05 12.24
C LYS D 53 -8.66 9.28 13.09
#